data_8SJO
#
_entry.id   8SJO
#
_cell.length_a   166.834
_cell.length_b   166.834
_cell.length_c   107.618
_cell.angle_alpha   90.000
_cell.angle_beta   90.000
_cell.angle_gamma   120.000
#
_symmetry.space_group_name_H-M   'H 3'
#
loop_
_entity.id
_entity.type
_entity.pdbx_description
1 polymer "DNA (5'-D(P*CP*AP*CP*GP*TP*GP*GP*AP*CP*AP*GP*GP*AP*G)-3')"
2 polymer "DNA (5'-D(P*TP*GP*CP*TP*CP*CP*TP*GP*AP*GP*GP*TP*CP*GP*AP*GP*C)-3')"
3 polymer "DNA (5'-D(P*CP*AP*GP*CP*TP*CP*AP*GP*CP*CP*TP*GP*AP*CP*TP*CP*A)-3')"
4 polymer "DNA (5'-D(P*GP*TP*GP*AP*GP*TP*CP*TP*CP*CP*AP*CP*GP*T)-3')"
#
loop_
_entity_poly.entity_id
_entity_poly.type
_entity_poly.pdbx_seq_one_letter_code
_entity_poly.pdbx_strand_id
1 'polydeoxyribonucleotide' (DC)(DA)(DC)(DG)(DT)(DG)(DG)(DA)(DC)(DA)(DG)(DG)(DA)(DG) A
2 'polydeoxyribonucleotide' (DT)(DG)(DC)(DT)(DC)(DC)(DT)(DG)(DA)(DG)(DG)(DT)(DC)(DG)(DA)(DG)(DC) B
3 'polydeoxyribonucleotide' (DC)(DA)(DG)(DC)(DT)(DC)(DA)(DG)(DC)(DC)(DT)(DG)(DA)(DC)(DT)(DC)(DA) C
4 'polydeoxyribonucleotide' (DG)(DT)(DG)(DA)(DG)(DT)(DC)(DT)(DC)(DC)(DA)(DC)(DG)(DT) D
#
loop_
_chem_comp.id
_chem_comp.type
_chem_comp.name
_chem_comp.formula
DA DNA linking 2'-DEOXYADENOSINE-5'-MONOPHOSPHATE 'C10 H14 N5 O6 P'
DC DNA linking 2'-DEOXYCYTIDINE-5'-MONOPHOSPHATE 'C9 H14 N3 O7 P'
DG DNA linking 2'-DEOXYGUANOSINE-5'-MONOPHOSPHATE 'C10 H14 N5 O7 P'
DT DNA linking THYMIDINE-5'-MONOPHOSPHATE 'C10 H15 N2 O8 P'
#